data_7VEN
#
_entry.id   7VEN
#
_cell.length_a   49.510
_cell.length_b   66.220
_cell.length_c   62.050
_cell.angle_alpha   90.000
_cell.angle_beta   105.990
_cell.angle_gamma   90.000
#
_symmetry.space_group_name_H-M   'P 1 21 1'
#
loop_
_entity.id
_entity.type
_entity.pdbx_description
1 polymer 'Burosumab Fab LC'
2 polymer 'Burosumab Fab HC'
3 water water
#
loop_
_entity_poly.entity_id
_entity_poly.type
_entity_poly.pdbx_seq_one_letter_code
_entity_poly.pdbx_strand_id
1 'polypeptide(L)'
;AIQLTQSPSSLSASVGDRVTITCRASQGISSALVWYQQKPGKAPKLLIYDASSLESGVPSRFSGSGSGTDFTLTISSLQP
EDFATYYCQQFNDYFTFGPGTKVDIKRTVAAPSVFIFPPSDEQLKSGTASVVCLLNNFYPREAKVQWKVDNALQSGNSQE
SVTEQDSKDSTYSLSSTLTLSKADYEKHKVYACEVTHQGLSSPVTKSFNRGEC
;
A
2 'polypeptide(L)'
;QVQLVQSGAEVKKPGASVKVSCKASGYTFTNHYMHWVRQAPGQGLEWMGIINPISGSTSNAQKFQGRVTMTRDTSTSTVY
MELSSLRSEDTAVYYCARDIVDAFDFWGQGTMVTVSSASTKGPSVFPLAPSSKSTSGGTAALGCLVKDYFPEPVTVSWNS
GALTSGVHTFPAVLQSSGLYSLSSVVTVPSSSLGTQTYICNVNHKPSNTKVDKKVEPKSCDKTHHHHHH
;
B
#
# COMPACT_ATOMS: atom_id res chain seq x y z
N ALA A 1 8.35 -26.44 1.67
CA ALA A 1 8.35 -25.26 0.80
C ALA A 1 9.32 -24.21 1.29
N ILE A 2 10.08 -23.63 0.36
CA ILE A 2 11.05 -22.61 0.70
C ILE A 2 10.33 -21.34 1.14
N GLN A 3 10.74 -20.78 2.27
CA GLN A 3 10.35 -19.44 2.70
C GLN A 3 11.57 -18.53 2.72
N LEU A 4 11.43 -17.33 2.18
CA LEU A 4 12.47 -16.30 2.29
C LEU A 4 12.04 -15.25 3.31
N THR A 5 12.97 -14.86 4.18
CA THR A 5 12.78 -13.79 5.14
C THR A 5 13.81 -12.71 4.85
N GLN A 6 13.53 -11.50 5.26
CA GLN A 6 14.45 -10.40 5.03
C GLN A 6 14.61 -9.57 6.28
N SER A 7 15.81 -9.02 6.46
CA SER A 7 16.11 -8.21 7.62
C SER A 7 17.05 -7.08 7.21
N PRO A 8 16.88 -5.88 7.77
CA PRO A 8 15.77 -5.48 8.64
C PRO A 8 14.49 -5.30 7.84
N SER A 9 13.32 -5.20 8.49
CA SER A 9 12.11 -4.87 7.74
C SER A 9 12.14 -3.44 7.22
N SER A 10 12.78 -2.53 7.97
CA SER A 10 12.88 -1.14 7.57
C SER A 10 14.25 -0.68 7.99
N LEU A 11 14.88 0.14 7.15
CA LEU A 11 16.20 0.68 7.43
C LEU A 11 16.20 2.18 7.15
N SER A 12 16.63 2.97 8.13
CA SER A 12 16.85 4.41 7.95
C SER A 12 18.22 4.62 7.35
N ALA A 13 18.30 5.42 6.28
CA ALA A 13 19.60 5.69 5.70
C ALA A 13 19.67 7.13 5.21
N SER A 14 20.91 7.61 5.01
CA SER A 14 21.18 8.92 4.48
C SER A 14 22.01 8.78 3.21
N VAL A 15 21.86 9.76 2.31
CA VAL A 15 22.74 9.85 1.16
C VAL A 15 24.19 9.71 1.60
N GLY A 16 24.94 8.87 0.89
CA GLY A 16 26.33 8.60 1.24
C GLY A 16 26.55 7.39 2.14
N ASP A 17 25.49 6.80 2.66
CA ASP A 17 25.64 5.65 3.57
C ASP A 17 25.91 4.37 2.80
N ARG A 18 26.73 3.51 3.40
CA ARG A 18 26.81 2.11 3.00
C ARG A 18 25.67 1.35 3.66
N VAL A 19 24.89 0.63 2.85
CA VAL A 19 23.69 -0.06 3.31
C VAL A 19 23.85 -1.54 2.99
N THR A 20 23.55 -2.40 3.95
CA THR A 20 23.55 -3.85 3.71
C THR A 20 22.24 -4.43 4.24
N ILE A 21 21.54 -5.17 3.39
CA ILE A 21 20.29 -5.84 3.75
C ILE A 21 20.45 -7.32 3.48
N THR A 22 19.68 -8.13 4.21
CA THR A 22 19.91 -9.57 4.26
C THR A 22 18.64 -10.31 3.86
N CYS A 23 18.84 -11.44 3.17
CA CYS A 23 17.78 -12.36 2.79
C CYS A 23 18.21 -13.76 3.23
N ARG A 24 17.29 -14.48 3.88
CA ARG A 24 17.58 -15.82 4.35
C ARG A 24 16.54 -16.78 3.80
N ALA A 25 16.98 -17.96 3.39
CA ALA A 25 16.11 -19.01 2.92
C ALA A 25 15.99 -20.12 3.95
N SER A 26 14.80 -20.74 4.01
CA SER A 26 14.54 -21.75 5.04
C SER A 26 15.32 -23.03 4.78
N GLN A 27 15.64 -23.30 3.51
CA GLN A 27 16.55 -24.37 3.10
C GLN A 27 17.39 -23.84 1.94
N GLY A 28 18.47 -24.55 1.62
CA GLY A 28 19.38 -24.14 0.56
C GLY A 28 18.75 -24.00 -0.81
N ILE A 29 19.11 -22.91 -1.52
CA ILE A 29 18.56 -22.52 -2.84
C ILE A 29 19.61 -22.26 -3.95
N SER A 30 20.86 -22.16 -3.52
CA SER A 30 22.16 -22.57 -4.06
C SER A 30 22.93 -21.90 -5.21
N SER A 31 22.49 -20.93 -6.01
CA SER A 31 22.80 -19.51 -6.02
C SER A 31 21.60 -18.70 -6.48
N ALA A 32 20.44 -19.35 -6.62
CA ALA A 32 19.36 -18.88 -7.50
C ALA A 32 18.52 -17.83 -6.77
N LEU A 33 19.16 -16.69 -6.53
CA LEU A 33 18.62 -15.64 -5.68
C LEU A 33 18.71 -14.33 -6.42
N VAL A 34 17.58 -13.64 -6.54
CA VAL A 34 17.45 -12.39 -7.28
C VAL A 34 17.07 -11.28 -6.31
N TRP A 35 17.57 -10.07 -6.60
CA TRP A 35 17.17 -8.87 -5.90
C TRP A 35 16.50 -7.88 -6.84
N TYR A 36 15.36 -7.33 -6.40
CA TYR A 36 14.58 -6.33 -7.12
C TYR A 36 14.41 -5.09 -6.25
N GLN A 37 14.28 -3.94 -6.90
CA GLN A 37 13.93 -2.69 -6.26
C GLN A 37 12.52 -2.30 -6.70
N GLN A 38 11.71 -1.81 -5.78
CA GLN A 38 10.37 -1.35 -6.14
C GLN A 38 10.08 -0.01 -5.50
N LYS A 39 9.56 0.92 -6.28
CA LYS A 39 9.11 2.21 -5.80
C LYS A 39 7.59 2.30 -5.89
N PRO A 40 6.96 3.19 -5.12
CA PRO A 40 5.49 3.23 -5.08
C PRO A 40 4.89 3.43 -6.46
N GLY A 41 3.91 2.58 -6.80
CA GLY A 41 3.18 2.71 -8.04
C GLY A 41 3.87 2.15 -9.26
N LYS A 42 5.04 1.54 -9.11
CA LYS A 42 5.81 1.02 -10.22
C LYS A 42 6.08 -0.46 -10.04
N ALA A 43 6.38 -1.13 -11.16
CA ALA A 43 6.76 -2.53 -11.10
C ALA A 43 8.15 -2.68 -10.49
N PRO A 44 8.46 -3.86 -9.94
CA PRO A 44 9.82 -4.13 -9.49
C PRO A 44 10.80 -4.01 -10.65
N LYS A 45 12.03 -3.65 -10.32
CA LYS A 45 13.12 -3.56 -11.28
C LYS A 45 14.24 -4.50 -10.87
N LEU A 46 14.83 -5.18 -11.84
CA LEU A 46 15.87 -6.16 -11.57
C LEU A 46 17.18 -5.47 -11.22
N LEU A 47 17.82 -5.92 -10.13
CA LEU A 47 19.14 -5.44 -9.77
C LEU A 47 20.22 -6.50 -9.95
N ILE A 48 20.05 -7.68 -9.36
CA ILE A 48 21.10 -8.69 -9.24
C ILE A 48 20.45 -10.04 -9.41
N TYR A 49 21.14 -10.96 -10.10
CA TYR A 49 20.69 -12.33 -10.22
C TYR A 49 21.86 -13.28 -9.96
N ASP A 50 21.54 -14.57 -9.78
CA ASP A 50 22.54 -15.59 -9.43
C ASP A 50 23.31 -15.23 -8.19
N ALA A 51 22.72 -14.34 -7.42
CA ALA A 51 22.95 -13.80 -6.10
C ALA A 51 24.14 -12.86 -6.08
N SER A 52 24.93 -12.81 -7.19
CA SER A 52 26.05 -11.88 -7.25
C SER A 52 26.24 -11.17 -8.58
N SER A 53 25.43 -11.44 -9.59
CA SER A 53 25.63 -10.85 -10.90
C SER A 53 24.83 -9.56 -11.00
N LEU A 54 25.51 -8.45 -11.18
CA LEU A 54 24.86 -7.16 -11.35
C LEU A 54 24.36 -7.03 -12.78
N GLU A 55 23.07 -6.74 -12.92
CA GLU A 55 22.49 -6.60 -14.25
C GLU A 55 23.03 -5.35 -14.95
N SER A 56 23.15 -5.43 -16.26
CA SER A 56 23.66 -4.29 -17.02
C SER A 56 22.70 -3.12 -16.91
N GLY A 57 23.25 -1.92 -16.84
CA GLY A 57 22.48 -0.71 -16.64
C GLY A 57 22.24 -0.35 -15.19
N VAL A 58 22.47 -1.27 -14.26
CA VAL A 58 22.28 -1.02 -12.83
C VAL A 58 23.57 -0.40 -12.30
N PRO A 59 23.50 0.65 -11.49
CA PRO A 59 24.74 1.31 -11.04
C PRO A 59 25.64 0.38 -10.24
N SER A 60 26.95 0.61 -10.38
CA SER A 60 27.96 -0.25 -9.77
C SER A 60 27.99 -0.19 -8.25
N ARG A 61 27.31 0.79 -7.64
CA ARG A 61 27.24 0.83 -6.18
C ARG A 61 26.43 -0.33 -5.62
N PHE A 62 25.63 -1.01 -6.44
CA PHE A 62 24.90 -2.19 -6.01
C PHE A 62 25.75 -3.44 -6.19
N SER A 63 25.69 -4.33 -5.20
CA SER A 63 26.30 -5.65 -5.31
C SER A 63 25.55 -6.62 -4.42
N GLY A 64 25.77 -7.90 -4.69
CA GLY A 64 25.14 -8.96 -3.90
C GLY A 64 26.11 -10.10 -3.70
N SER A 65 25.91 -10.83 -2.60
CA SER A 65 26.74 -11.97 -2.28
C SER A 65 25.92 -12.97 -1.48
N GLY A 66 26.23 -14.24 -1.63
CA GLY A 66 25.56 -15.24 -0.82
C GLY A 66 25.37 -16.54 -1.56
N SER A 67 24.93 -17.55 -0.80
CA SER A 67 24.76 -18.91 -1.30
C SER A 67 24.01 -19.69 -0.26
N GLY A 68 23.35 -20.77 -0.69
CA GLY A 68 22.70 -21.62 0.29
C GLY A 68 21.50 -20.97 0.93
N THR A 69 21.61 -20.62 2.21
CA THR A 69 20.50 -20.03 2.96
C THR A 69 20.69 -18.55 3.29
N ASP A 70 21.83 -17.95 2.97
CA ASP A 70 22.10 -16.59 3.45
C ASP A 70 22.66 -15.71 2.34
N PHE A 71 22.05 -14.55 2.15
CA PHE A 71 22.36 -13.64 1.04
C PHE A 71 22.32 -12.20 1.53
N THR A 72 23.15 -11.35 0.93
CA THR A 72 23.12 -9.92 1.21
C THR A 72 23.13 -9.10 -0.08
N LEU A 73 22.55 -7.92 0.01
CA LEU A 73 22.62 -6.86 -1.00
C LEU A 73 23.27 -5.65 -0.33
N THR A 74 24.27 -5.07 -0.99
CA THR A 74 24.96 -3.90 -0.46
C THR A 74 24.87 -2.76 -1.45
N ILE A 75 24.59 -1.57 -0.94
CA ILE A 75 24.74 -0.32 -1.68
C ILE A 75 25.92 0.41 -1.07
N SER A 76 26.97 0.62 -1.85
CA SER A 76 28.21 1.09 -1.28
C SER A 76 28.10 2.52 -0.78
N SER A 77 27.32 3.35 -1.48
CA SER A 77 27.14 4.76 -1.12
C SER A 77 25.79 5.18 -1.66
N LEU A 78 24.80 5.27 -0.78
CA LEU A 78 23.41 5.43 -1.19
C LEU A 78 23.19 6.80 -1.84
N GLN A 79 22.36 6.80 -2.90
CA GLN A 79 21.99 8.02 -3.58
C GLN A 79 20.48 8.23 -3.45
N PRO A 80 19.99 9.45 -3.71
CA PRO A 80 18.56 9.73 -3.51
C PRO A 80 17.62 8.79 -4.23
N GLU A 81 18.01 8.31 -5.41
CA GLU A 81 17.10 7.45 -6.15
C GLU A 81 17.06 6.04 -5.60
N ASP A 82 17.83 5.75 -4.56
CA ASP A 82 17.88 4.40 -3.98
C ASP A 82 16.91 4.19 -2.82
N PHE A 83 16.25 5.23 -2.34
CA PHE A 83 15.20 5.03 -1.34
C PHE A 83 14.01 4.33 -1.99
N ALA A 84 13.68 3.15 -1.49
CA ALA A 84 12.84 2.18 -2.19
C ALA A 84 12.64 0.98 -1.28
N THR A 85 11.80 0.05 -1.72
CA THR A 85 11.70 -1.26 -1.10
C THR A 85 12.45 -2.29 -1.95
N TYR A 86 13.17 -3.19 -1.27
CA TYR A 86 14.00 -4.18 -1.93
C TYR A 86 13.49 -5.57 -1.57
N TYR A 87 13.31 -6.40 -2.59
CA TYR A 87 12.81 -7.77 -2.43
C TYR A 87 13.84 -8.76 -2.94
N CYS A 88 14.02 -9.87 -2.23
CA CYS A 88 14.71 -11.01 -2.78
C CYS A 88 13.73 -12.05 -3.32
N GLN A 89 14.20 -12.91 -4.21
CA GLN A 89 13.36 -13.93 -4.81
C GLN A 89 14.19 -15.16 -5.14
N GLN A 90 13.65 -16.34 -4.85
CA GLN A 90 14.26 -17.57 -5.35
C GLN A 90 13.85 -17.79 -6.80
N PHE A 91 14.81 -17.90 -7.70
CA PHE A 91 14.46 -18.14 -9.11
C PHE A 91 14.45 -19.62 -9.46
N ASN A 92 13.59 -20.34 -8.75
CA ASN A 92 13.33 -21.77 -8.88
C ASN A 92 12.06 -22.05 -8.06
N ASP A 93 11.20 -22.92 -8.57
CA ASP A 93 10.34 -23.94 -7.96
C ASP A 93 9.14 -23.61 -7.07
N TYR A 94 8.90 -22.39 -6.64
CA TYR A 94 7.63 -21.68 -6.73
C TYR A 94 7.89 -20.20 -6.97
N PHE A 95 9.14 -19.82 -7.19
CA PHE A 95 9.51 -18.44 -7.48
C PHE A 95 9.15 -17.49 -6.34
N THR A 96 9.32 -17.95 -5.11
CA THR A 96 8.82 -17.23 -3.94
C THR A 96 9.65 -15.98 -3.65
N PHE A 97 8.98 -14.96 -3.11
CA PHE A 97 9.58 -13.68 -2.77
C PHE A 97 9.74 -13.52 -1.26
N GLY A 98 10.78 -12.83 -0.85
CA GLY A 98 10.89 -12.35 0.51
C GLY A 98 9.90 -11.21 0.72
N PRO A 99 9.70 -10.79 1.97
CA PRO A 99 8.65 -9.81 2.29
C PRO A 99 9.06 -8.36 2.10
N GLY A 100 10.31 -8.08 1.76
CA GLY A 100 10.74 -6.73 1.45
C GLY A 100 11.42 -6.05 2.61
N THR A 101 12.37 -5.18 2.27
CA THR A 101 12.99 -4.24 3.21
C THR A 101 12.83 -2.85 2.63
N LYS A 102 12.20 -1.94 3.36
CA LYS A 102 12.09 -0.56 2.92
C LYS A 102 13.26 0.24 3.46
N VAL A 103 13.94 0.97 2.57
CA VAL A 103 15.02 1.87 2.94
C VAL A 103 14.46 3.27 2.78
N ASP A 104 14.38 4.01 3.90
CA ASP A 104 13.80 5.35 3.86
C ASP A 104 14.81 6.38 4.35
N ILE A 105 14.39 7.65 4.32
CA ILE A 105 15.28 8.78 4.59
C ILE A 105 15.39 8.99 6.10
N LYS A 106 16.60 8.88 6.63
CA LYS A 106 16.78 9.02 8.07
C LYS A 106 16.63 10.47 8.51
N ARG A 107 16.01 10.67 9.67
CA ARG A 107 16.05 11.91 10.43
C ARG A 107 16.01 11.55 11.91
N THR A 108 16.18 12.56 12.76
CA THR A 108 16.07 12.34 14.19
C THR A 108 14.68 11.84 14.56
N VAL A 109 14.61 11.05 15.63
CA VAL A 109 13.33 10.55 16.14
C VAL A 109 12.38 11.71 16.36
N ALA A 110 11.14 11.56 15.90
CA ALA A 110 10.08 12.54 16.12
C ALA A 110 8.85 11.79 16.62
N ALA A 111 8.45 12.03 17.87
CA ALA A 111 7.26 11.40 18.39
C ALA A 111 6.02 11.94 17.67
N PRO A 112 4.99 11.12 17.48
CA PRO A 112 3.77 11.61 16.85
C PRO A 112 3.04 12.60 17.73
N SER A 113 2.40 13.56 17.07
CA SER A 113 1.38 14.37 17.72
C SER A 113 0.06 13.65 17.47
N VAL A 114 -0.66 13.34 18.55
CA VAL A 114 -1.81 12.45 18.47
C VAL A 114 -3.08 13.25 18.68
N PHE A 115 -4.10 12.97 17.86
CA PHE A 115 -5.41 13.61 17.92
C PHE A 115 -6.49 12.54 17.80
N ILE A 116 -7.55 12.67 18.59
CA ILE A 116 -8.71 11.78 18.48
C ILE A 116 -9.93 12.59 18.08
N PHE A 117 -10.76 12.00 17.22
CA PHE A 117 -11.97 12.66 16.70
C PHE A 117 -13.17 11.77 16.94
N PRO A 118 -14.18 12.23 17.67
CA PRO A 118 -15.43 11.45 17.81
C PRO A 118 -16.19 11.42 16.49
N PRO A 119 -17.12 10.49 16.32
CA PRO A 119 -17.99 10.53 15.15
C PRO A 119 -18.83 11.80 15.17
N SER A 120 -19.15 12.29 13.96
CA SER A 120 -20.05 13.44 13.84
C SER A 120 -21.49 13.03 14.11
N ASP A 121 -22.31 14.00 14.53
CA ASP A 121 -23.73 13.75 14.70
C ASP A 121 -24.36 13.34 13.36
N GLU A 122 -23.89 13.95 12.27
CA GLU A 122 -24.43 13.63 10.96
C GLU A 122 -24.24 12.15 10.63
N GLN A 123 -23.05 11.61 10.90
CA GLN A 123 -22.83 10.19 10.64
C GLN A 123 -23.67 9.32 11.55
N LEU A 124 -23.71 9.65 12.85
CA LEU A 124 -24.47 8.83 13.80
C LEU A 124 -25.93 8.71 13.40
N LYS A 125 -26.51 9.75 12.80
CA LYS A 125 -27.90 9.67 12.38
C LYS A 125 -28.15 8.54 11.37
N SER A 126 -27.11 8.11 10.65
CA SER A 126 -27.27 7.10 9.61
C SER A 126 -26.97 5.68 10.09
N GLY A 127 -26.53 5.50 11.34
CA GLY A 127 -26.45 4.18 11.93
C GLY A 127 -25.06 3.64 12.19
N THR A 128 -24.00 4.38 11.84
CA THR A 128 -22.63 3.91 12.00
C THR A 128 -21.82 4.99 12.69
N ALA A 129 -20.77 4.58 13.39
CA ALA A 129 -19.88 5.51 14.08
C ALA A 129 -18.46 5.20 13.68
N SER A 130 -17.75 6.20 13.17
CA SER A 130 -16.31 6.11 12.90
C SER A 130 -15.59 6.98 13.90
N VAL A 131 -14.67 6.39 14.66
CA VAL A 131 -13.80 7.14 15.56
C VAL A 131 -12.41 7.17 14.93
N VAL A 132 -11.80 8.35 14.81
CA VAL A 132 -10.53 8.48 14.09
C VAL A 132 -9.43 8.89 15.05
N CYS A 133 -8.28 8.22 14.94
CA CYS A 133 -7.09 8.60 15.66
C CYS A 133 -6.02 8.98 14.65
N LEU A 134 -5.48 10.19 14.77
CA LEU A 134 -4.44 10.71 13.88
C LEU A 134 -3.12 10.73 14.62
N LEU A 135 -2.10 10.12 14.03
CA LEU A 135 -0.72 10.22 14.50
C LEU A 135 0.02 11.07 13.48
N ASN A 136 0.38 12.30 13.85
CA ASN A 136 0.89 13.25 12.87
C ASN A 136 2.40 13.44 12.97
N ASN A 137 3.07 13.40 11.81
CA ASN A 137 4.44 13.88 11.64
C ASN A 137 5.44 13.20 12.58
N PHE A 138 5.56 11.88 12.43
CA PHE A 138 6.47 11.09 13.26
C PHE A 138 7.54 10.38 12.43
N TYR A 139 8.61 9.98 13.11
CA TYR A 139 9.68 9.20 12.48
C TYR A 139 10.45 8.48 13.59
N PRO A 140 10.88 7.23 13.38
CA PRO A 140 10.64 6.33 12.26
C PRO A 140 9.19 5.92 12.09
N ARG A 141 8.98 5.12 11.05
CA ARG A 141 7.64 4.70 10.65
C ARG A 141 6.97 3.78 11.68
N GLU A 142 7.76 2.97 12.39
CA GLU A 142 7.17 2.00 13.31
C GLU A 142 6.37 2.71 14.38
N ALA A 143 5.09 2.37 14.49
CA ALA A 143 4.22 2.96 15.49
C ALA A 143 3.09 1.97 15.70
N LYS A 144 2.54 1.97 16.90
CA LYS A 144 1.42 1.08 17.21
C LYS A 144 0.29 1.88 17.81
N VAL A 145 -0.92 1.65 17.29
CA VAL A 145 -2.16 2.21 17.82
C VAL A 145 -2.96 1.07 18.43
N GLN A 146 -3.41 1.25 19.67
CA GLN A 146 -4.36 0.35 20.31
C GLN A 146 -5.62 1.13 20.67
N TRP A 147 -6.78 0.59 20.33
CA TRP A 147 -8.05 1.20 20.69
C TRP A 147 -8.58 0.55 21.96
N LYS A 148 -9.05 1.37 22.89
CA LYS A 148 -9.70 0.87 24.10
C LYS A 148 -11.03 1.58 24.28
N VAL A 149 -12.09 0.79 24.47
CA VAL A 149 -13.43 1.31 24.70
C VAL A 149 -13.87 0.85 26.08
N ASP A 150 -14.09 1.80 26.99
CA ASP A 150 -14.32 1.47 28.40
C ASP A 150 -13.25 0.52 28.93
N ASN A 151 -12.01 0.80 28.55
CA ASN A 151 -10.80 0.06 28.94
C ASN A 151 -10.71 -1.34 28.35
N ALA A 152 -11.55 -1.70 27.39
CA ALA A 152 -11.50 -3.01 26.75
C ALA A 152 -10.79 -2.88 25.41
N LEU A 153 -9.76 -3.72 25.20
CA LEU A 153 -9.04 -3.71 23.93
C LEU A 153 -9.97 -4.05 22.78
N GLN A 154 -9.89 -3.28 21.71
CA GLN A 154 -10.66 -3.54 20.49
C GLN A 154 -9.81 -4.33 19.51
N SER A 155 -10.41 -5.36 18.91
CA SER A 155 -9.78 -6.15 17.88
C SER A 155 -10.75 -6.34 16.73
N GLY A 156 -10.25 -6.24 15.51
CA GLY A 156 -11.01 -6.64 14.34
C GLY A 156 -11.90 -5.56 13.78
N ASN A 157 -11.93 -4.38 14.39
CA ASN A 157 -12.84 -3.31 13.99
C ASN A 157 -12.12 -2.00 13.71
N SER A 158 -10.83 -2.05 13.41
CA SER A 158 -10.10 -0.86 13.04
C SER A 158 -9.29 -1.10 11.79
N GLN A 159 -8.99 -0.01 11.09
CA GLN A 159 -8.14 -0.05 9.91
C GLN A 159 -7.20 1.14 9.93
N GLU A 160 -5.97 0.93 9.45
CA GLU A 160 -4.92 1.94 9.43
C GLU A 160 -4.56 2.32 8.00
N SER A 161 -4.11 3.56 7.83
CA SER A 161 -3.56 4.07 6.59
C SER A 161 -2.39 4.97 6.92
N VAL A 162 -1.34 4.93 6.11
CA VAL A 162 -0.14 5.72 6.35
C VAL A 162 0.23 6.47 5.08
N THR A 163 0.75 7.68 5.24
CA THR A 163 1.23 8.43 4.11
C THR A 163 2.63 7.96 3.72
N GLU A 164 3.04 8.35 2.52
CA GLU A 164 4.43 8.20 2.16
C GLU A 164 5.26 9.25 2.90
N GLN A 165 6.55 8.95 3.04
CA GLN A 165 7.40 9.85 3.80
C GLN A 165 7.39 11.24 3.17
N ASP A 166 7.25 12.26 4.01
CA ASP A 166 7.13 13.63 3.53
C ASP A 166 8.46 14.12 2.98
N SER A 167 8.44 14.71 1.78
CA SER A 167 9.67 15.13 1.12
C SER A 167 10.34 16.31 1.82
N LYS A 168 9.61 17.06 2.64
CA LYS A 168 10.13 18.27 3.28
C LYS A 168 10.66 18.05 4.69
N ASP A 169 9.99 17.21 5.49
CA ASP A 169 10.44 16.99 6.87
C ASP A 169 10.72 15.52 7.17
N SER A 170 10.62 14.63 6.18
CA SER A 170 10.97 13.22 6.33
C SER A 170 10.12 12.47 7.34
N THR A 171 8.93 12.97 7.67
CA THR A 171 8.02 12.29 8.59
C THR A 171 6.93 11.51 7.87
N TYR A 172 6.24 10.70 8.67
CA TYR A 172 5.05 9.97 8.28
C TYR A 172 3.87 10.48 9.10
N SER A 173 2.67 10.24 8.57
CA SER A 173 1.46 10.39 9.36
C SER A 173 0.62 9.14 9.16
N LEU A 174 -0.24 8.87 10.15
CA LEU A 174 -1.02 7.64 10.14
C LEU A 174 -2.40 7.94 10.68
N SER A 175 -3.41 7.36 10.06
CA SER A 175 -4.77 7.42 10.58
C SER A 175 -5.20 6.01 10.96
N SER A 176 -5.92 5.90 12.08
CA SER A 176 -6.54 4.66 12.49
C SER A 176 -8.02 4.95 12.70
N THR A 177 -8.89 4.18 12.05
CA THR A 177 -10.32 4.38 12.13
C THR A 177 -10.96 3.17 12.78
N LEU A 178 -11.69 3.41 13.88
CA LEU A 178 -12.46 2.40 14.60
C LEU A 178 -13.90 2.52 14.12
N THR A 179 -14.47 1.41 13.65
CA THR A 179 -15.84 1.42 13.15
C THR A 179 -16.74 0.63 14.10
N LEU A 180 -17.80 1.27 14.58
CA LEU A 180 -18.79 0.62 15.42
C LEU A 180 -20.19 0.92 14.90
N SER A 181 -21.12 0.02 15.20
CA SER A 181 -22.54 0.33 15.01
C SER A 181 -22.93 1.46 15.96
N LYS A 182 -23.95 2.23 15.57
CA LYS A 182 -24.44 3.29 16.44
C LYS A 182 -24.79 2.76 17.83
N ALA A 183 -25.53 1.65 17.89
CA ALA A 183 -25.90 1.08 19.19
C ALA A 183 -24.68 0.72 20.02
N ASP A 184 -23.68 0.10 19.40
CA ASP A 184 -22.46 -0.24 20.14
C ASP A 184 -21.75 1.01 20.61
N TYR A 185 -21.69 2.05 19.76
CA TYR A 185 -21.05 3.30 20.17
C TYR A 185 -21.76 3.91 21.38
N GLU A 186 -23.10 3.92 21.37
CA GLU A 186 -23.86 4.53 22.45
C GLU A 186 -23.80 3.74 23.75
N LYS A 187 -23.44 2.47 23.70
CA LYS A 187 -23.39 1.64 24.90
C LYS A 187 -22.18 1.95 25.77
N HIS A 188 -21.20 2.68 25.26
CA HIS A 188 -19.94 2.86 25.97
C HIS A 188 -19.59 4.33 26.10
N LYS A 189 -18.77 4.64 27.10
CA LYS A 189 -18.45 6.03 27.42
C LYS A 189 -17.05 6.47 27.02
N VAL A 190 -16.01 5.73 27.41
CA VAL A 190 -14.63 6.20 27.25
C VAL A 190 -14.04 5.62 25.96
N TYR A 191 -13.63 6.49 25.06
CA TYR A 191 -13.01 6.08 23.80
C TYR A 191 -11.56 6.55 23.82
N ALA A 192 -10.63 5.61 23.74
CA ALA A 192 -9.22 5.97 23.87
C ALA A 192 -8.40 5.33 22.75
N CYS A 193 -7.49 6.11 22.19
CA CYS A 193 -6.44 5.56 21.37
C CYS A 193 -5.11 5.73 22.08
N GLU A 194 -4.35 4.65 22.12
CA GLU A 194 -3.12 4.55 22.86
C GLU A 194 -2.00 4.28 21.88
N VAL A 195 -0.96 5.10 21.91
CA VAL A 195 0.05 5.14 20.87
C VAL A 195 1.42 4.82 21.47
N THR A 196 2.13 3.89 20.83
CA THR A 196 3.50 3.50 21.16
C THR A 196 4.41 3.89 20.00
N HIS A 197 5.59 4.41 20.32
CA HIS A 197 6.55 4.89 19.33
C HIS A 197 7.91 5.07 20.02
N GLN A 198 8.98 4.94 19.23
CA GLN A 198 10.34 5.14 19.78
C GLN A 198 10.50 6.47 20.50
N GLY A 199 9.78 7.50 20.06
CA GLY A 199 9.90 8.82 20.67
C GLY A 199 9.13 9.01 21.94
N LEU A 200 8.37 8.00 22.38
CA LEU A 200 7.53 8.07 23.57
C LEU A 200 8.07 7.14 24.64
N SER A 201 8.30 7.69 25.83
CA SER A 201 8.82 6.92 26.95
C SER A 201 7.89 5.77 27.34
N SER A 202 6.59 6.00 27.22
CA SER A 202 5.56 5.02 27.51
C SER A 202 4.35 5.41 26.69
N PRO A 203 3.37 4.51 26.53
CA PRO A 203 2.26 4.81 25.62
C PRO A 203 1.52 6.09 26.01
N VAL A 204 1.17 6.88 24.99
CA VAL A 204 0.38 8.10 25.19
C VAL A 204 -1.06 7.82 24.82
N THR A 205 -1.99 8.28 25.64
CA THR A 205 -3.41 8.11 25.38
C THR A 205 -4.05 9.44 25.01
N LYS A 206 -4.88 9.44 23.97
CA LYS A 206 -5.84 10.50 23.75
C LYS A 206 -7.24 9.89 23.81
N SER A 207 -8.14 10.55 24.52
CA SER A 207 -9.44 9.96 24.75
C SER A 207 -10.51 11.04 24.82
N PHE A 208 -11.75 10.60 24.67
CA PHE A 208 -12.90 11.45 24.97
C PHE A 208 -13.97 10.59 25.63
N ASN A 209 -14.89 11.28 26.31
CA ASN A 209 -16.10 10.68 26.87
C ASN A 209 -17.25 11.00 25.94
N ARG A 210 -17.91 9.96 25.42
CA ARG A 210 -19.05 10.15 24.52
C ARG A 210 -20.15 11.02 25.13
N GLN B 1 14.94 -1.74 -24.93
CA GLN B 1 13.72 -1.22 -25.55
C GLN B 1 12.62 -2.28 -25.56
N VAL B 2 12.70 -3.16 -24.58
CA VAL B 2 11.61 -4.09 -24.32
C VAL B 2 10.47 -3.33 -23.64
N GLN B 3 9.25 -3.67 -24.02
CA GLN B 3 8.10 -3.13 -23.32
C GLN B 3 7.08 -4.24 -23.15
N LEU B 4 6.48 -4.32 -21.96
CA LEU B 4 5.33 -5.18 -21.70
C LEU B 4 4.18 -4.25 -21.32
N VAL B 5 3.14 -4.25 -22.13
CA VAL B 5 2.03 -3.30 -21.96
C VAL B 5 0.78 -4.10 -21.61
N GLN B 6 0.24 -3.83 -20.43
CA GLN B 6 -0.91 -4.55 -19.92
C GLN B 6 -2.19 -3.77 -20.12
N SER B 7 -3.31 -4.49 -20.02
CA SER B 7 -4.64 -3.90 -20.14
C SER B 7 -4.99 -3.09 -18.89
N GLY B 8 -6.09 -2.32 -19.01
CA GLY B 8 -6.48 -1.36 -17.99
C GLY B 8 -7.12 -1.98 -16.76
N ALA B 9 -7.28 -1.14 -15.74
CA ALA B 9 -7.83 -1.57 -14.46
C ALA B 9 -9.23 -2.16 -14.63
N GLU B 10 -9.53 -3.14 -13.79
CA GLU B 10 -10.80 -3.87 -13.82
C GLU B 10 -11.49 -3.76 -12.47
N VAL B 11 -12.81 -3.65 -12.51
CA VAL B 11 -13.64 -3.69 -11.31
C VAL B 11 -14.65 -4.82 -11.50
N LYS B 12 -14.69 -5.75 -10.54
CA LYS B 12 -15.46 -6.98 -10.70
C LYS B 12 -16.22 -7.33 -9.44
N LYS B 13 -17.39 -8.03 -9.64
CA LYS B 13 -18.14 -8.59 -8.51
C LYS B 13 -17.60 -9.95 -8.13
N PRO B 14 -17.76 -10.34 -6.87
CA PRO B 14 -17.40 -11.71 -6.47
C PRO B 14 -18.14 -12.72 -7.36
N GLY B 15 -17.42 -13.75 -7.79
CA GLY B 15 -17.97 -14.79 -8.62
C GLY B 15 -17.71 -14.59 -10.10
N ALA B 16 -17.37 -13.37 -10.50
CA ALA B 16 -17.12 -13.04 -11.89
C ALA B 16 -15.71 -13.46 -12.29
N SER B 17 -15.37 -13.24 -13.55
CA SER B 17 -14.03 -13.53 -14.04
C SER B 17 -13.40 -12.29 -14.64
N VAL B 18 -12.08 -12.30 -14.71
CA VAL B 18 -11.31 -11.20 -15.31
C VAL B 18 -10.24 -11.80 -16.22
N LYS B 19 -9.96 -11.11 -17.32
CA LYS B 19 -8.93 -11.54 -18.25
C LYS B 19 -8.00 -10.37 -18.52
N VAL B 20 -6.74 -10.48 -18.09
CA VAL B 20 -5.75 -9.41 -18.17
C VAL B 20 -4.80 -9.76 -19.31
N SER B 21 -4.49 -8.77 -20.14
CA SER B 21 -3.58 -8.99 -21.26
C SER B 21 -2.22 -8.35 -21.01
N CYS B 22 -1.24 -8.87 -21.74
CA CYS B 22 0.14 -8.40 -21.61
C CYS B 22 0.77 -8.52 -22.99
N LYS B 23 0.90 -7.39 -23.69
CA LYS B 23 1.45 -7.39 -25.04
C LYS B 23 2.94 -7.08 -24.97
N ALA B 24 3.75 -7.99 -25.48
CA ALA B 24 5.21 -7.83 -25.46
C ALA B 24 5.69 -7.22 -26.77
N SER B 25 6.61 -6.26 -26.67
CA SER B 25 7.22 -5.69 -27.86
C SER B 25 8.71 -5.49 -27.62
N GLY B 26 9.44 -5.44 -28.72
CA GLY B 26 10.84 -5.05 -28.71
C GLY B 26 11.80 -6.22 -28.58
N TYR B 27 11.31 -7.45 -28.69
CA TYR B 27 12.17 -8.63 -28.64
C TYR B 27 11.43 -9.80 -29.26
N THR B 28 12.14 -10.90 -29.46
CA THR B 28 11.55 -12.12 -30.01
C THR B 28 10.69 -12.81 -28.95
N PHE B 29 9.38 -12.79 -29.17
CA PHE B 29 8.41 -13.20 -28.15
C PHE B 29 8.65 -14.63 -27.69
N THR B 30 8.97 -15.52 -28.61
CA THR B 30 9.08 -16.93 -28.27
C THR B 30 10.40 -17.29 -27.59
N ASN B 31 11.30 -16.31 -27.39
CA ASN B 31 12.57 -16.61 -26.74
C ASN B 31 12.48 -16.63 -25.22
N HIS B 32 11.35 -16.26 -24.61
CA HIS B 32 11.29 -16.11 -23.17
C HIS B 32 9.98 -16.62 -22.61
N TYR B 33 10.06 -17.43 -21.55
CA TYR B 33 8.87 -17.73 -20.76
C TYR B 33 8.31 -16.41 -20.22
N MET B 34 7.01 -16.40 -19.99
CA MET B 34 6.36 -15.25 -19.36
C MET B 34 5.67 -15.70 -18.08
N HIS B 35 5.76 -14.89 -17.03
CA HIS B 35 5.15 -15.24 -15.76
C HIS B 35 4.13 -14.19 -15.36
N TRP B 36 3.27 -14.56 -14.42
CA TRP B 36 2.32 -13.66 -13.77
C TRP B 36 2.57 -13.64 -12.27
N VAL B 37 2.58 -12.45 -11.69
CA VAL B 37 2.84 -12.22 -10.27
C VAL B 37 1.80 -11.18 -9.84
N ARG B 38 1.29 -11.29 -8.62
CA ARG B 38 0.36 -10.28 -8.14
C ARG B 38 0.85 -9.68 -6.83
N GLN B 39 0.27 -8.52 -6.49
CA GLN B 39 0.67 -7.78 -5.29
C GLN B 39 -0.56 -7.08 -4.74
N ALA B 40 -1.04 -7.53 -3.60
CA ALA B 40 -2.16 -6.87 -2.97
C ALA B 40 -1.73 -5.48 -2.51
N PRO B 41 -2.66 -4.51 -2.46
CA PRO B 41 -2.26 -3.15 -2.09
C PRO B 41 -1.49 -3.06 -0.78
N GLY B 42 -0.26 -2.54 -0.83
CA GLY B 42 0.53 -2.37 0.36
C GLY B 42 1.28 -3.60 0.82
N GLN B 43 1.20 -4.69 0.09
CA GLN B 43 1.68 -6.00 0.52
C GLN B 43 2.78 -6.46 -0.43
N GLY B 44 3.23 -7.70 -0.23
CA GLY B 44 4.31 -8.26 -1.01
C GLY B 44 3.85 -8.92 -2.30
N LEU B 45 4.77 -9.64 -2.92
CA LEU B 45 4.60 -10.21 -4.25
C LEU B 45 4.34 -11.70 -4.16
N GLU B 46 3.46 -12.19 -5.05
CA GLU B 46 3.02 -13.58 -5.04
C GLU B 46 3.05 -14.11 -6.46
N TRP B 47 3.85 -15.15 -6.69
CA TRP B 47 3.92 -15.77 -8.00
C TRP B 47 2.64 -16.54 -8.29
N MET B 48 2.15 -16.41 -9.53
CA MET B 48 0.94 -17.13 -9.94
C MET B 48 1.20 -18.25 -10.93
N GLY B 49 2.06 -18.04 -11.91
CA GLY B 49 2.34 -19.11 -12.85
C GLY B 49 3.23 -18.66 -13.99
N ILE B 50 3.46 -19.61 -14.90
CA ILE B 50 4.41 -19.45 -15.99
C ILE B 50 3.80 -20.03 -17.25
N ILE B 51 4.10 -19.42 -18.39
CA ILE B 51 3.63 -19.93 -19.68
C ILE B 51 4.79 -19.93 -20.68
N ASN B 52 4.87 -21.01 -21.45
CA ASN B 52 5.83 -21.15 -22.55
C ASN B 52 5.21 -20.54 -23.80
N PRO B 53 5.82 -19.51 -24.39
CA PRO B 53 5.19 -18.87 -25.58
C PRO B 53 5.22 -19.73 -26.83
N ILE B 54 6.13 -20.71 -26.93
CA ILE B 54 6.16 -21.57 -28.11
C ILE B 54 5.00 -22.54 -28.09
N SER B 55 4.84 -23.28 -26.99
CA SER B 55 3.93 -24.41 -26.93
C SER B 55 2.62 -24.08 -26.22
N GLY B 56 2.58 -22.99 -25.47
CA GLY B 56 1.45 -22.71 -24.61
C GLY B 56 1.40 -23.51 -23.34
N SER B 57 2.37 -24.39 -23.09
CA SER B 57 2.38 -25.15 -21.85
C SER B 57 2.48 -24.22 -20.65
N THR B 58 1.77 -24.54 -19.58
CA THR B 58 1.70 -23.62 -18.47
C THR B 58 1.60 -24.40 -17.17
N SER B 59 2.15 -23.81 -16.11
CA SER B 59 1.97 -24.31 -14.76
C SER B 59 1.62 -23.14 -13.86
N ASN B 60 0.95 -23.44 -12.75
CA ASN B 60 0.55 -22.38 -11.84
C ASN B 60 0.71 -22.85 -10.40
N ALA B 61 0.74 -21.89 -9.50
CA ALA B 61 0.72 -22.19 -8.07
C ALA B 61 -0.54 -22.99 -7.75
N GLN B 62 -0.40 -23.92 -6.80
CA GLN B 62 -1.53 -24.80 -6.46
C GLN B 62 -2.74 -24.01 -5.98
N LYS B 63 -2.51 -22.88 -5.29
CA LYS B 63 -3.59 -22.01 -4.83
C LYS B 63 -4.58 -21.65 -5.94
N PHE B 64 -4.13 -21.62 -7.19
CA PHE B 64 -4.96 -21.14 -8.29
C PHE B 64 -5.46 -22.25 -9.20
N GLN B 65 -5.28 -23.51 -8.83
CA GLN B 65 -5.61 -24.61 -9.74
C GLN B 65 -7.11 -24.65 -10.01
N GLY B 66 -7.47 -24.69 -11.28
CA GLY B 66 -8.86 -24.68 -11.66
C GLY B 66 -9.47 -23.31 -11.78
N ARG B 67 -8.77 -22.27 -11.31
CA ARG B 67 -9.26 -20.90 -11.39
C ARG B 67 -8.50 -20.02 -12.35
N VAL B 68 -7.23 -20.31 -12.59
CA VAL B 68 -6.42 -19.51 -13.51
C VAL B 68 -6.22 -20.24 -14.82
N THR B 69 -6.34 -19.50 -15.91
CA THR B 69 -6.07 -20.01 -17.26
C THR B 69 -5.11 -19.02 -17.90
N MET B 70 -3.95 -19.50 -18.30
CA MET B 70 -2.97 -18.67 -18.99
C MET B 70 -2.89 -19.11 -20.43
N THR B 71 -2.88 -18.14 -21.34
CA THR B 71 -2.85 -18.42 -22.77
C THR B 71 -1.90 -17.45 -23.41
N ARG B 72 -1.55 -17.74 -24.67
CA ARG B 72 -0.66 -16.91 -25.44
C ARG B 72 -1.12 -16.89 -26.89
N ASP B 73 -0.83 -15.78 -27.55
CA ASP B 73 -1.14 -15.59 -28.96
C ASP B 73 0.15 -15.13 -29.64
N THR B 74 0.80 -16.02 -30.38
CA THR B 74 2.08 -15.64 -31.00
C THR B 74 1.88 -14.61 -32.10
N SER B 75 0.72 -14.57 -32.75
CA SER B 75 0.52 -13.60 -33.82
C SER B 75 0.61 -12.17 -33.31
N THR B 76 0.26 -11.93 -32.05
CA THR B 76 0.24 -10.59 -31.50
C THR B 76 1.22 -10.44 -30.35
N SER B 77 2.01 -11.47 -30.07
CA SER B 77 2.99 -11.46 -28.97
C SER B 77 2.34 -11.04 -27.66
N THR B 78 1.18 -11.63 -27.36
CA THR B 78 0.41 -11.29 -26.18
C THR B 78 0.19 -12.52 -25.33
N VAL B 79 0.30 -12.35 -24.02
CA VAL B 79 -0.06 -13.39 -23.08
C VAL B 79 -1.24 -12.91 -22.26
N TYR B 80 -2.07 -13.86 -21.81
CA TYR B 80 -3.29 -13.55 -21.09
C TYR B 80 -3.35 -14.35 -19.81
N MET B 81 -3.94 -13.73 -18.80
CA MET B 81 -4.20 -14.36 -17.51
C MET B 81 -5.68 -14.18 -17.23
N GLU B 82 -6.42 -15.27 -17.22
CA GLU B 82 -7.84 -15.26 -16.87
C GLU B 82 -8.02 -15.91 -15.50
N LEU B 83 -8.61 -15.16 -14.59
CA LEU B 83 -8.87 -15.64 -13.23
C LEU B 83 -10.37 -15.67 -13.03
N SER B 84 -10.92 -16.85 -12.81
CA SER B 84 -12.35 -17.00 -12.68
C SER B 84 -12.77 -17.07 -11.22
N SER B 85 -14.08 -16.97 -11.00
CA SER B 85 -14.69 -17.05 -9.68
C SER B 85 -13.96 -16.14 -8.69
N LEU B 86 -13.94 -14.87 -9.03
CA LEU B 86 -13.15 -13.92 -8.23
C LEU B 86 -13.71 -13.78 -6.82
N ARG B 87 -12.83 -13.51 -5.88
CA ARG B 87 -13.22 -13.21 -4.52
C ARG B 87 -12.37 -12.03 -4.04
N SER B 88 -12.78 -11.49 -2.88
CA SER B 88 -12.10 -10.32 -2.32
C SER B 88 -10.59 -10.50 -2.23
N GLU B 89 -10.13 -11.70 -1.88
CA GLU B 89 -8.70 -11.99 -1.75
C GLU B 89 -7.93 -11.76 -3.05
N ASP B 90 -8.62 -11.70 -4.19
CA ASP B 90 -7.97 -11.51 -5.47
C ASP B 90 -7.71 -10.05 -5.81
N THR B 91 -8.20 -9.10 -5.02
CA THR B 91 -7.92 -7.69 -5.27
C THR B 91 -6.41 -7.44 -5.18
N ALA B 92 -5.80 -6.99 -6.26
CA ALA B 92 -4.36 -6.85 -6.33
C ALA B 92 -3.99 -6.21 -7.64
N VAL B 93 -2.74 -5.73 -7.73
CA VAL B 93 -2.13 -5.40 -9.00
C VAL B 93 -1.52 -6.68 -9.56
N TYR B 94 -1.89 -7.00 -10.80
CA TYR B 94 -1.38 -8.18 -11.50
C TYR B 94 -0.34 -7.72 -12.50
N TYR B 95 0.82 -8.38 -12.50
CA TYR B 95 1.95 -8.08 -13.38
C TYR B 95 2.29 -9.30 -14.23
N CYS B 96 2.58 -9.05 -15.50
CA CYS B 96 3.34 -10.01 -16.28
C CYS B 96 4.81 -9.65 -16.21
N ALA B 97 5.66 -10.67 -16.36
CA ALA B 97 7.10 -10.48 -16.24
C ALA B 97 7.85 -11.42 -17.17
N ARG B 98 8.92 -10.92 -17.79
CA ARG B 98 9.72 -11.71 -18.73
C ARG B 98 10.82 -12.48 -18.03
N ASP B 99 10.89 -13.79 -18.31
CA ASP B 99 11.90 -14.71 -17.78
C ASP B 99 13.17 -14.70 -18.65
N ILE B 100 14.31 -14.52 -17.97
CA ILE B 100 15.70 -14.35 -18.46
C ILE B 100 16.87 -15.25 -18.12
N VAL B 101 16.86 -16.57 -17.96
CA VAL B 101 16.49 -17.69 -17.14
C VAL B 101 16.79 -17.54 -15.65
N ASP B 102 17.69 -16.64 -15.30
CA ASP B 102 18.00 -16.37 -13.89
C ASP B 102 17.16 -15.30 -13.19
N ALA B 103 16.19 -14.67 -13.85
CA ALA B 103 15.48 -13.57 -13.20
C ALA B 103 14.29 -13.16 -14.07
N PHE B 104 13.45 -12.28 -13.52
CA PHE B 104 12.51 -11.47 -14.29
C PHE B 104 13.19 -10.15 -14.60
N ASP B 105 13.42 -9.84 -15.87
CA ASP B 105 14.19 -8.63 -16.18
C ASP B 105 13.38 -7.45 -16.67
N PHE B 106 12.16 -7.67 -17.17
CA PHE B 106 11.19 -6.64 -17.54
C PHE B 106 9.82 -7.07 -17.05
N TRP B 107 9.07 -6.11 -16.52
CA TRP B 107 7.73 -6.35 -15.99
C TRP B 107 6.76 -5.41 -16.68
N GLY B 108 5.51 -5.84 -16.79
CA GLY B 108 4.47 -4.94 -17.24
C GLY B 108 4.23 -3.84 -16.23
N GLN B 109 3.39 -2.87 -16.62
CA GLN B 109 3.15 -1.75 -15.72
C GLN B 109 2.16 -2.09 -14.61
N GLY B 110 1.53 -3.25 -14.69
CA GLY B 110 0.57 -3.74 -13.72
C GLY B 110 -0.85 -3.42 -14.13
N THR B 111 -1.78 -4.28 -13.71
CA THR B 111 -3.20 -4.06 -13.89
C THR B 111 -3.88 -4.25 -12.55
N MET B 112 -4.57 -3.21 -12.09
CA MET B 112 -5.31 -3.31 -10.84
C MET B 112 -6.63 -4.03 -11.09
N VAL B 113 -6.90 -5.05 -10.29
CA VAL B 113 -8.18 -5.74 -10.31
C VAL B 113 -8.79 -5.57 -8.94
N THR B 114 -9.98 -4.96 -8.88
CA THR B 114 -10.68 -4.74 -7.62
C THR B 114 -11.91 -5.65 -7.62
N VAL B 115 -12.01 -6.51 -6.61
CA VAL B 115 -13.15 -7.40 -6.45
C VAL B 115 -13.99 -6.89 -5.29
N SER B 116 -15.24 -6.55 -5.55
CA SER B 116 -16.09 -6.00 -4.51
C SER B 116 -17.54 -6.24 -4.88
N SER B 117 -18.37 -6.49 -3.87
CA SER B 117 -19.80 -6.59 -4.10
C SER B 117 -20.44 -5.24 -4.38
N ALA B 118 -19.70 -4.14 -4.21
CA ALA B 118 -20.27 -2.81 -4.33
C ALA B 118 -20.44 -2.42 -5.80
N SER B 119 -21.29 -1.42 -6.02
CA SER B 119 -21.41 -0.75 -7.29
C SER B 119 -21.12 0.73 -7.08
N THR B 120 -21.10 1.48 -8.18
CA THR B 120 -20.78 2.91 -8.15
C THR B 120 -21.59 3.63 -7.09
N LYS B 121 -20.89 4.35 -6.20
CA LYS B 121 -21.53 5.05 -5.10
C LYS B 121 -20.66 6.24 -4.72
N GLY B 122 -21.27 7.41 -4.59
CA GLY B 122 -20.52 8.57 -4.16
C GLY B 122 -20.34 8.59 -2.65
N PRO B 123 -19.36 9.33 -2.18
CA PRO B 123 -19.02 9.31 -0.75
C PRO B 123 -19.95 10.20 0.07
N SER B 124 -20.05 9.83 1.35
CA SER B 124 -20.54 10.72 2.39
C SER B 124 -19.33 11.37 3.04
N VAL B 125 -19.39 12.68 3.26
CA VAL B 125 -18.27 13.42 3.81
C VAL B 125 -18.64 13.94 5.19
N PHE B 126 -17.86 13.55 6.20
CA PHE B 126 -18.13 13.93 7.57
C PHE B 126 -16.97 14.73 8.14
N PRO B 127 -17.24 15.70 9.01
CA PRO B 127 -16.16 16.49 9.60
C PRO B 127 -15.37 15.71 10.64
N LEU B 128 -14.06 15.92 10.63
CA LEU B 128 -13.17 15.61 11.74
C LEU B 128 -12.93 16.95 12.43
N ALA B 129 -13.80 17.27 13.39
CA ALA B 129 -13.85 18.62 13.92
C ALA B 129 -12.67 18.90 14.84
N PRO B 130 -12.14 20.13 14.82
CA PRO B 130 -11.04 20.47 15.74
C PRO B 130 -11.52 20.39 17.18
N SER B 131 -10.74 19.71 18.01
CA SER B 131 -11.10 19.51 19.43
C SER B 131 -11.21 20.83 20.18
N GLY B 138 -1.71 27.07 20.26
CA GLY B 138 -0.96 25.98 19.67
C GLY B 138 -1.41 25.62 18.27
N THR B 139 -1.35 24.32 17.97
CA THR B 139 -1.71 23.78 16.66
C THR B 139 -2.90 22.85 16.84
N ALA B 140 -3.83 22.92 15.89
CA ALA B 140 -5.03 22.12 15.93
C ALA B 140 -5.09 21.26 14.68
N ALA B 141 -5.68 20.09 14.80
CA ALA B 141 -5.89 19.22 13.66
C ALA B 141 -7.38 19.15 13.35
N LEU B 142 -7.70 19.15 12.06
CA LEU B 142 -9.07 19.00 11.61
C LEU B 142 -9.02 18.25 10.29
N GLY B 143 -10.18 17.80 9.83
CA GLY B 143 -10.17 17.02 8.60
C GLY B 143 -11.55 16.66 8.10
N CYS B 144 -11.54 15.82 7.07
CA CYS B 144 -12.78 15.27 6.51
C CYS B 144 -12.62 13.76 6.38
N LEU B 145 -13.64 13.04 6.80
CA LEU B 145 -13.73 11.60 6.59
C LEU B 145 -14.59 11.35 5.37
N VAL B 146 -14.00 10.77 4.33
CA VAL B 146 -14.63 10.55 3.03
C VAL B 146 -15.00 9.08 2.97
N LYS B 147 -16.26 8.76 3.30
CA LYS B 147 -16.66 7.40 3.62
C LYS B 147 -17.56 6.80 2.56
N ASP B 148 -17.36 5.50 2.33
CA ASP B 148 -18.32 4.64 1.60
C ASP B 148 -18.55 5.05 0.15
N TYR B 149 -17.47 5.10 -0.62
CA TYR B 149 -17.58 5.34 -2.05
C TYR B 149 -16.97 4.19 -2.83
N PHE B 150 -17.33 4.14 -4.12
CA PHE B 150 -16.83 3.09 -5.00
C PHE B 150 -17.08 3.53 -6.43
N PRO B 151 -16.17 3.26 -7.37
CA PRO B 151 -14.81 2.74 -7.18
C PRO B 151 -13.87 3.89 -6.86
N GLU B 152 -12.58 3.58 -6.76
CA GLU B 152 -11.57 4.64 -6.72
C GLU B 152 -11.57 5.38 -8.06
N PRO B 153 -11.08 6.62 -8.09
CA PRO B 153 -10.52 7.44 -7.01
C PRO B 153 -11.43 8.58 -6.57
N VAL B 154 -11.09 9.16 -5.43
CA VAL B 154 -11.60 10.49 -5.07
C VAL B 154 -10.41 11.44 -5.08
N THR B 155 -10.69 12.70 -5.32
CA THR B 155 -9.72 13.76 -5.10
C THR B 155 -10.19 14.65 -3.97
N VAL B 156 -9.25 15.15 -3.19
CA VAL B 156 -9.55 16.02 -2.06
C VAL B 156 -8.62 17.21 -2.14
N SER B 157 -9.18 18.40 -2.07
CA SER B 157 -8.41 19.63 -1.88
C SER B 157 -8.98 20.36 -0.68
N TRP B 158 -8.28 21.40 -0.25
CA TRP B 158 -8.74 22.25 0.84
C TRP B 158 -8.84 23.69 0.38
N ASN B 159 -9.93 24.36 0.73
CA ASN B 159 -10.16 25.75 0.35
C ASN B 159 -9.92 25.97 -1.14
N SER B 160 -10.49 25.05 -1.94
CA SER B 160 -10.45 25.15 -3.40
C SER B 160 -9.04 25.17 -3.97
N GLY B 161 -8.08 24.59 -3.23
CA GLY B 161 -6.70 24.56 -3.65
C GLY B 161 -5.84 25.62 -3.01
N ALA B 162 -6.42 26.56 -2.28
CA ALA B 162 -5.66 27.64 -1.65
C ALA B 162 -4.93 27.19 -0.39
N LEU B 163 -5.30 26.06 0.20
CA LEU B 163 -4.62 25.55 1.40
C LEU B 163 -3.99 24.21 1.04
N THR B 164 -2.66 24.17 1.04
CA THR B 164 -1.89 22.96 0.80
C THR B 164 -0.92 22.62 1.93
N SER B 165 -0.40 23.62 2.64
CA SER B 165 0.55 23.38 3.71
C SER B 165 -0.10 22.60 4.85
N GLY B 166 0.58 21.55 5.33
CA GLY B 166 0.10 20.78 6.45
C GLY B 166 -0.99 19.78 6.14
N VAL B 167 -1.41 19.65 4.88
CA VAL B 167 -2.43 18.68 4.50
C VAL B 167 -1.80 17.30 4.37
N HIS B 168 -2.50 16.29 4.89
CA HIS B 168 -2.17 14.89 4.65
C HIS B 168 -3.44 14.20 4.22
N THR B 169 -3.47 13.70 3.00
CA THR B 169 -4.59 12.93 2.49
C THR B 169 -4.15 11.47 2.42
N PHE B 170 -4.82 10.63 3.19
CA PHE B 170 -4.34 9.27 3.36
C PHE B 170 -4.79 8.40 2.19
N PRO B 171 -4.06 7.33 1.93
CA PRO B 171 -4.54 6.35 0.95
C PRO B 171 -5.87 5.78 1.39
N ALA B 172 -6.72 5.49 0.41
CA ALA B 172 -7.99 4.85 0.71
C ALA B 172 -7.77 3.42 1.19
N VAL B 173 -8.71 2.96 2.02
CA VAL B 173 -8.76 1.57 2.47
C VAL B 173 -10.06 0.98 1.96
N LEU B 174 -9.98 -0.26 1.49
CA LEU B 174 -11.18 -1.01 1.14
C LEU B 174 -11.75 -1.64 2.40
N GLN B 175 -12.96 -1.23 2.77
CA GLN B 175 -13.65 -1.78 3.93
C GLN B 175 -14.24 -3.16 3.64
N SER B 176 -14.54 -3.89 4.72
CA SER B 176 -15.16 -5.20 4.57
C SER B 176 -16.49 -5.13 3.83
N SER B 177 -17.14 -3.96 3.83
CA SER B 177 -18.37 -3.76 3.09
C SER B 177 -18.15 -3.68 1.58
N GLY B 178 -16.90 -3.66 1.12
CA GLY B 178 -16.60 -3.48 -0.28
C GLY B 178 -16.57 -2.05 -0.75
N LEU B 179 -16.75 -1.09 0.15
CA LEU B 179 -16.68 0.33 -0.15
C LEU B 179 -15.37 0.92 0.37
N TYR B 180 -14.87 1.94 -0.31
CA TYR B 180 -13.65 2.60 0.14
C TYR B 180 -13.96 3.70 1.15
N SER B 181 -12.95 4.01 1.96
CA SER B 181 -13.00 5.14 2.87
C SER B 181 -11.59 5.74 2.95
N LEU B 182 -11.51 7.06 3.13
CA LEU B 182 -10.24 7.69 3.46
C LEU B 182 -10.49 8.96 4.26
N SER B 183 -9.44 9.44 4.90
CA SER B 183 -9.49 10.70 5.61
C SER B 183 -8.47 11.65 5.03
N SER B 184 -8.79 12.94 5.08
CA SER B 184 -7.85 13.99 4.77
C SER B 184 -7.81 14.93 5.96
N VAL B 185 -6.60 15.25 6.43
CA VAL B 185 -6.46 16.08 7.63
C VAL B 185 -5.54 17.25 7.30
N VAL B 186 -5.63 18.26 8.13
CA VAL B 186 -4.74 19.41 8.01
C VAL B 186 -4.49 19.94 9.42
N THR B 187 -3.27 20.42 9.67
CA THR B 187 -2.97 21.09 10.91
C THR B 187 -2.89 22.59 10.66
N VAL B 188 -3.52 23.36 11.53
CA VAL B 188 -3.65 24.81 11.37
C VAL B 188 -3.43 25.46 12.74
N PRO B 189 -3.24 26.77 12.80
CA PRO B 189 -3.13 27.44 14.10
C PRO B 189 -4.48 27.41 14.82
N SER B 190 -4.45 27.03 16.10
CA SER B 190 -5.66 27.06 16.92
C SER B 190 -6.32 28.43 16.89
N SER B 191 -5.52 29.49 16.86
CA SER B 191 -6.05 30.85 16.86
C SER B 191 -6.80 31.19 15.58
N SER B 192 -6.68 30.37 14.53
CA SER B 192 -7.41 30.60 13.29
C SER B 192 -8.79 30.00 13.30
N LEU B 193 -9.13 29.16 14.29
CA LEU B 193 -10.34 28.37 14.22
C LEU B 193 -11.61 29.24 14.24
N GLY B 194 -11.59 30.35 14.96
CA GLY B 194 -12.79 31.18 15.00
C GLY B 194 -13.10 31.91 13.72
N THR B 195 -12.10 32.16 12.87
CA THR B 195 -12.22 33.13 11.80
C THR B 195 -11.96 32.58 10.41
N GLN B 196 -11.02 31.66 10.26
CA GLN B 196 -10.68 31.12 8.96
C GLN B 196 -11.58 29.93 8.66
N THR B 197 -12.25 29.97 7.50
CA THR B 197 -13.10 28.87 7.09
C THR B 197 -12.23 27.79 6.46
N TYR B 198 -12.51 26.54 6.80
CA TYR B 198 -11.80 25.39 6.25
C TYR B 198 -12.83 24.50 5.57
N ILE B 199 -12.67 24.30 4.28
CA ILE B 199 -13.62 23.53 3.48
C ILE B 199 -12.85 22.45 2.74
N CYS B 200 -13.27 21.21 2.88
CA CYS B 200 -12.67 20.16 2.07
C CYS B 200 -13.53 19.94 0.82
N ASN B 201 -12.87 19.96 -0.33
CA ASN B 201 -13.51 19.80 -1.62
C ASN B 201 -13.25 18.39 -2.10
N VAL B 202 -14.29 17.58 -2.13
CA VAL B 202 -14.18 16.17 -2.49
C VAL B 202 -14.86 15.97 -3.84
N ASN B 203 -14.15 15.31 -4.76
CA ASN B 203 -14.69 15.01 -6.07
C ASN B 203 -14.59 13.51 -6.31
N HIS B 204 -15.72 12.90 -6.68
CA HIS B 204 -15.78 11.48 -7.05
C HIS B 204 -16.36 11.42 -8.45
N LYS B 205 -15.49 11.45 -9.45
CA LYS B 205 -15.96 11.48 -10.84
C LYS B 205 -16.79 10.26 -11.22
N PRO B 206 -16.49 9.03 -10.80
CA PRO B 206 -17.31 7.90 -11.26
C PRO B 206 -18.79 8.04 -10.95
N SER B 207 -19.15 8.71 -9.86
CA SER B 207 -20.55 8.92 -9.51
C SER B 207 -21.03 10.34 -9.77
N ASN B 208 -20.19 11.20 -10.36
CA ASN B 208 -20.50 12.62 -10.55
C ASN B 208 -20.90 13.30 -9.24
N THR B 209 -20.11 13.06 -8.19
CA THR B 209 -20.41 13.58 -6.87
C THR B 209 -19.34 14.60 -6.50
N LYS B 210 -19.77 15.81 -6.20
CA LYS B 210 -18.90 16.89 -5.73
C LYS B 210 -19.42 17.37 -4.39
N VAL B 211 -18.57 17.33 -3.35
CA VAL B 211 -18.98 17.71 -2.00
C VAL B 211 -17.98 18.73 -1.47
N ASP B 212 -18.47 19.87 -1.01
CA ASP B 212 -17.66 20.92 -0.38
C ASP B 212 -18.14 21.06 1.05
N LYS B 213 -17.37 20.52 2.00
CA LYS B 213 -17.80 20.38 3.38
C LYS B 213 -17.02 21.35 4.27
N LYS B 214 -17.72 22.30 4.89
CA LYS B 214 -17.11 23.19 5.86
C LYS B 214 -16.91 22.46 7.17
N VAL B 215 -15.72 22.56 7.74
CA VAL B 215 -15.36 21.88 8.99
C VAL B 215 -15.15 22.95 10.05
N GLU B 216 -15.90 22.85 11.14
CA GLU B 216 -15.85 23.86 12.19
C GLU B 216 -15.88 23.18 13.54
N PRO B 217 -15.47 23.88 14.59
CA PRO B 217 -15.58 23.30 15.94
C PRO B 217 -17.03 22.96 16.23
N LYS B 218 -17.23 21.82 16.88
CA LYS B 218 -18.58 21.43 17.26
C LYS B 218 -19.06 22.28 18.41
N SER B 219 -20.26 22.82 18.29
CA SER B 219 -20.76 23.72 19.31
C SER B 219 -21.35 22.91 20.46
N CYS B 220 -20.90 23.23 21.68
CA CYS B 220 -21.58 22.82 22.89
C CYS B 220 -21.88 24.11 23.63
#